data_2FP1
#
_entry.id   2FP1
#
_cell.length_a   42.644
_cell.length_b   72.673
_cell.length_c   62.060
_cell.angle_alpha   90.00
_cell.angle_beta   104.52
_cell.angle_gamma   90.00
#
_symmetry.space_group_name_H-M   'P 1 21 1'
#
loop_
_entity.id
_entity.type
_entity.pdbx_description
1 polymer 'Chorismate mutase'
2 non-polymer 'LEAD (II) ION'
3 water water
#
_entity_poly.entity_id   1
_entity_poly.type   'polypeptide(L)'
_entity_poly.pdbx_seq_one_letter_code
;DGTSQLAELVDAAAERLEVADPVAAFKWRAQLPIEDSGRVEQQLAKLGEDARSQHIDPDYVTRVFDDQIRATEAIEYSRF
SDWKLNPASAPPEPPDLSASRSAIDSLNNRMLSQIWSHWSLLSAPSCAAQLDRAKRDIVRSRHLDSLYQRALTTATQSYC
QALPPA
;
_entity_poly.pdbx_strand_id   A,B
#
# COMPACT_ATOMS: atom_id res chain seq x y z
N GLY A 2 1.47 -35.95 -3.24
CA GLY A 2 0.02 -36.14 -2.92
C GLY A 2 -0.63 -34.86 -2.40
N THR A 3 -1.88 -34.66 -2.79
CA THR A 3 -2.60 -33.41 -2.47
C THR A 3 -3.01 -33.32 -0.99
N SER A 4 -2.79 -32.14 -0.40
CA SER A 4 -3.17 -31.90 0.95
C SER A 4 -4.69 -31.96 0.96
N GLN A 5 -5.19 -32.53 2.05
CA GLN A 5 -6.59 -32.47 2.32
C GLN A 5 -7.07 -31.01 2.48
N LEU A 6 -6.18 -30.08 2.82
CA LEU A 6 -6.57 -28.66 2.95
C LEU A 6 -6.42 -27.84 1.65
N ALA A 7 -6.02 -28.47 0.54
CA ALA A 7 -5.82 -27.71 -0.70
C ALA A 7 -7.11 -27.04 -1.23
N GLU A 8 -8.24 -27.71 -1.08
CA GLU A 8 -9.50 -27.16 -1.61
C GLU A 8 -9.89 -25.86 -0.87
N LEU A 9 -9.71 -25.90 0.44
CA LEU A 9 -9.97 -24.74 1.31
C LEU A 9 -8.99 -23.61 1.02
N VAL A 10 -7.70 -23.93 0.99
CA VAL A 10 -6.67 -22.93 0.71
C VAL A 10 -6.81 -22.32 -0.71
N ASP A 11 -7.20 -23.16 -1.68
CA ASP A 11 -7.45 -22.66 -3.04
C ASP A 11 -8.60 -21.64 -3.07
N ALA A 12 -9.68 -21.93 -2.33
CA ALA A 12 -10.80 -20.96 -2.20
C ALA A 12 -10.35 -19.66 -1.55
N ALA A 13 -9.51 -19.78 -0.50
CA ALA A 13 -9.02 -18.62 0.17
C ALA A 13 -8.20 -17.77 -0.78
N ALA A 14 -7.37 -18.41 -1.57
CA ALA A 14 -6.55 -17.69 -2.50
C ALA A 14 -7.36 -17.04 -3.60
N GLU A 15 -8.30 -17.79 -4.15
CA GLU A 15 -9.20 -17.23 -5.19
C GLU A 15 -9.95 -16.04 -4.61
N ARG A 16 -10.35 -16.11 -3.33
CA ARG A 16 -11.07 -15.01 -2.72
C ARG A 16 -10.15 -13.79 -2.55
N LEU A 17 -8.89 -14.02 -2.16
CA LEU A 17 -7.91 -12.93 -2.13
C LEU A 17 -7.80 -12.24 -3.47
N GLU A 18 -7.90 -12.99 -4.56
CA GLU A 18 -7.73 -12.39 -5.90
C GLU A 18 -8.82 -11.41 -6.28
N VAL A 19 -9.92 -11.44 -5.55
CA VAL A 19 -10.99 -10.46 -5.72
C VAL A 19 -10.52 -9.05 -5.28
N ALA A 20 -9.47 -8.95 -4.47
CA ALA A 20 -8.88 -7.64 -4.09
C ALA A 20 -8.61 -6.78 -5.31
N ASP A 21 -8.20 -7.42 -6.40
CA ASP A 21 -7.78 -6.65 -7.61
C ASP A 21 -8.91 -5.90 -8.27
N PRO A 22 -9.98 -6.61 -8.69
CA PRO A 22 -11.10 -5.82 -9.25
C PRO A 22 -11.72 -4.85 -8.25
N VAL A 23 -11.79 -5.22 -6.97
CA VAL A 23 -12.35 -4.35 -5.98
C VAL A 23 -11.49 -3.06 -5.81
N ALA A 24 -10.17 -3.24 -5.75
CA ALA A 24 -9.28 -2.09 -5.64
C ALA A 24 -9.39 -1.19 -6.86
N ALA A 25 -9.45 -1.81 -8.05
CA ALA A 25 -9.51 -1.00 -9.29
C ALA A 25 -10.75 -0.16 -9.31
N PHE A 26 -11.87 -0.72 -8.83
CA PHE A 26 -13.12 0.04 -8.73
C PHE A 26 -13.03 1.15 -7.70
N LYS A 27 -12.54 0.84 -6.50
CA LYS A 27 -12.42 1.84 -5.49
C LYS A 27 -11.48 2.99 -5.89
N TRP A 28 -10.43 2.65 -6.64
CA TRP A 28 -9.47 3.65 -7.09
C TRP A 28 -10.20 4.65 -8.00
N ARG A 29 -10.91 4.14 -8.98
CA ARG A 29 -11.62 5.05 -9.91
C ARG A 29 -12.72 5.83 -9.22
N ALA A 30 -13.40 5.16 -8.31
CA ALA A 30 -14.50 5.77 -7.58
C ALA A 30 -14.05 6.69 -6.42
N GLN A 31 -12.74 6.71 -6.11
CA GLN A 31 -12.18 7.48 -5.03
C GLN A 31 -12.80 7.09 -3.70
N LEU A 32 -12.95 5.78 -3.48
CA LEU A 32 -13.45 5.26 -2.21
C LEU A 32 -12.27 4.73 -1.40
N PRO A 33 -12.38 4.78 -0.08
CA PRO A 33 -11.29 4.19 0.69
C PRO A 33 -11.37 2.69 0.66
N ILE A 34 -10.26 2.07 0.99
CA ILE A 34 -10.20 0.61 1.12
CA ILE A 34 -10.27 0.62 1.07
C ILE A 34 -11.02 0.11 2.29
N GLU A 35 -10.78 0.73 3.44
CA GLU A 35 -11.31 0.25 4.72
C GLU A 35 -12.70 0.76 4.99
N ASP A 36 -13.46 -0.04 5.73
CA ASP A 36 -14.75 0.37 6.31
C ASP A 36 -15.08 -0.61 7.45
N SER A 37 -14.71 -0.23 8.67
CA SER A 37 -14.86 -1.14 9.81
C SER A 37 -16.29 -1.60 10.01
N GLY A 38 -17.26 -0.68 9.82
CA GLY A 38 -18.64 -1.04 10.04
C GLY A 38 -19.11 -2.06 9.01
N ARG A 39 -18.66 -1.91 7.76
CA ARG A 39 -18.96 -2.89 6.73
C ARG A 39 -18.41 -4.27 7.05
N VAL A 40 -17.15 -4.29 7.45
CA VAL A 40 -16.51 -5.54 7.81
C VAL A 40 -17.21 -6.22 8.97
N GLU A 41 -17.60 -5.47 10.01
N GLU A 41 -17.58 -5.43 9.99
CA GLU A 41 -18.33 -6.12 11.08
CA GLU A 41 -18.35 -5.96 11.12
C GLU A 41 -19.67 -6.74 10.63
C GLU A 41 -19.64 -6.68 10.65
N GLN A 42 -20.35 -6.08 9.70
CA GLN A 42 -21.56 -6.68 9.13
C GLN A 42 -21.26 -7.99 8.36
N GLN A 43 -20.23 -7.95 7.53
CA GLN A 43 -19.81 -9.11 6.78
C GLN A 43 -19.43 -10.27 7.70
N LEU A 44 -18.68 -9.98 8.75
CA LEU A 44 -18.32 -11.02 9.73
C LEU A 44 -19.55 -11.56 10.45
N ALA A 45 -20.48 -10.68 10.80
CA ALA A 45 -21.68 -11.16 11.47
C ALA A 45 -22.45 -12.16 10.62
N LYS A 46 -22.59 -11.86 9.32
CA LYS A 46 -23.32 -12.74 8.39
C LYS A 46 -22.62 -14.08 8.23
N LEU A 47 -21.30 -14.04 8.19
CA LEU A 47 -20.52 -15.26 8.16
C LEU A 47 -20.72 -16.13 9.41
N GLY A 48 -20.84 -15.49 10.56
CA GLY A 48 -21.17 -16.22 11.80
C GLY A 48 -22.54 -16.87 11.71
N GLU A 49 -23.49 -16.19 11.10
CA GLU A 49 -24.83 -16.71 10.95
C GLU A 49 -24.80 -17.90 10.01
N ASP A 50 -24.04 -17.75 8.92
CA ASP A 50 -23.88 -18.82 7.95
C ASP A 50 -23.26 -20.04 8.64
N ALA A 51 -22.30 -19.83 9.52
CA ALA A 51 -21.64 -20.94 10.24
C ALA A 51 -22.66 -21.65 11.12
N ARG A 52 -23.43 -20.87 11.86
CA ARG A 52 -24.46 -21.48 12.72
C ARG A 52 -25.42 -22.37 11.95
N SER A 53 -25.80 -21.92 10.75
N SER A 53 -25.82 -21.95 10.75
CA SER A 53 -26.72 -22.69 9.88
CA SER A 53 -26.78 -22.76 9.97
C SER A 53 -26.22 -24.09 9.51
C SER A 53 -26.24 -24.13 9.59
N GLN A 54 -24.91 -24.27 9.51
CA GLN A 54 -24.30 -25.56 9.23
C GLN A 54 -23.69 -26.22 10.46
N HIS A 55 -23.93 -25.65 11.64
CA HIS A 55 -23.36 -26.16 12.89
C HIS A 55 -21.84 -26.19 12.88
N ILE A 56 -21.25 -25.17 12.26
CA ILE A 56 -19.84 -24.84 12.34
C ILE A 56 -19.61 -23.80 13.45
N ASP A 57 -18.50 -23.93 14.17
CA ASP A 57 -18.16 -23.01 15.27
C ASP A 57 -18.09 -21.58 14.72
N PRO A 58 -19.04 -20.72 15.09
CA PRO A 58 -18.99 -19.38 14.50
C PRO A 58 -17.82 -18.50 14.96
N ASP A 59 -17.27 -18.74 16.15
CA ASP A 59 -16.16 -17.96 16.65
C ASP A 59 -14.90 -18.27 15.82
N TYR A 60 -14.74 -19.57 15.50
CA TYR A 60 -13.66 -19.99 14.60
C TYR A 60 -13.80 -19.34 13.24
N VAL A 61 -14.99 -19.41 12.66
CA VAL A 61 -15.24 -18.81 11.36
C VAL A 61 -14.98 -17.28 11.40
N THR A 62 -15.42 -16.61 12.44
CA THR A 62 -15.15 -15.17 12.57
C THR A 62 -13.66 -14.88 12.58
N ARG A 63 -12.87 -15.65 13.32
CA ARG A 63 -11.43 -15.43 13.35
C ARG A 63 -10.79 -15.63 11.98
N VAL A 64 -11.17 -16.69 11.29
CA VAL A 64 -10.58 -17.02 10.00
C VAL A 64 -10.93 -15.92 9.00
N PHE A 65 -12.19 -15.48 9.00
CA PHE A 65 -12.57 -14.49 7.98
C PHE A 65 -12.05 -13.09 8.35
N ASP A 66 -11.83 -12.82 9.62
CA ASP A 66 -11.21 -11.54 9.98
C ASP A 66 -9.81 -11.50 9.36
N ASP A 67 -9.06 -12.60 9.48
CA ASP A 67 -7.72 -12.72 8.86
C ASP A 67 -7.84 -12.60 7.34
N GLN A 68 -8.81 -13.29 6.75
CA GLN A 68 -8.97 -13.31 5.28
C GLN A 68 -9.25 -11.87 4.80
N ILE A 69 -10.13 -11.15 5.47
CA ILE A 69 -10.51 -9.78 5.07
C ILE A 69 -9.32 -8.80 5.23
N ARG A 70 -8.57 -8.93 6.31
N ARG A 70 -8.58 -8.95 6.33
CA ARG A 70 -7.38 -8.09 6.50
CA ARG A 70 -7.36 -8.14 6.54
C ARG A 70 -6.38 -8.33 5.38
C ARG A 70 -6.37 -8.34 5.42
N ALA A 71 -6.17 -9.60 5.05
CA ALA A 71 -5.23 -9.99 3.99
C ALA A 71 -5.67 -9.38 2.63
N THR A 72 -6.98 -9.30 2.42
CA THR A 72 -7.55 -8.77 1.20
C THR A 72 -7.34 -7.29 1.14
N GLU A 73 -7.58 -6.63 2.26
CA GLU A 73 -7.32 -5.18 2.38
C GLU A 73 -5.86 -4.85 2.11
N ALA A 74 -4.98 -5.71 2.61
CA ALA A 74 -3.54 -5.53 2.40
C ALA A 74 -3.21 -5.51 0.94
N ILE A 75 -3.81 -6.39 0.14
CA ILE A 75 -3.57 -6.40 -1.31
C ILE A 75 -4.12 -5.11 -1.93
N GLU A 76 -5.29 -4.68 -1.49
CA GLU A 76 -5.90 -3.48 -2.04
C GLU A 76 -4.98 -2.29 -1.76
N TYR A 77 -4.48 -2.17 -0.54
CA TYR A 77 -3.57 -1.08 -0.24
C TYR A 77 -2.30 -1.12 -1.10
N SER A 78 -1.77 -2.32 -1.32
CA SER A 78 -0.56 -2.44 -2.15
C SER A 78 -0.82 -1.93 -3.57
N ARG A 79 -1.99 -2.22 -4.12
CA ARG A 79 -2.29 -1.72 -5.46
C ARG A 79 -2.37 -0.21 -5.41
N PHE A 80 -3.06 0.34 -4.42
CA PHE A 80 -3.15 1.81 -4.30
C PHE A 80 -1.75 2.44 -4.23
N SER A 81 -0.83 1.79 -3.55
CA SER A 81 0.56 2.29 -3.51
C SER A 81 1.11 2.34 -4.93
N ASP A 82 0.98 1.24 -5.67
CA ASP A 82 1.46 1.10 -7.04
C ASP A 82 0.87 2.19 -7.92
N TRP A 83 -0.41 2.46 -7.76
CA TRP A 83 -1.12 3.38 -8.66
C TRP A 83 -0.82 4.83 -8.30
N LYS A 84 -0.45 5.10 -7.07
CA LYS A 84 0.05 6.45 -6.68
C LYS A 84 1.38 6.74 -7.35
N LEU A 85 2.21 5.72 -7.44
CA LEU A 85 3.52 5.87 -8.08
C LEU A 85 3.38 5.96 -9.58
N ASN A 86 2.42 5.22 -10.15
CA ASN A 86 2.18 5.22 -11.61
C ASN A 86 0.68 5.16 -11.93
N PRO A 87 0.00 6.30 -11.87
CA PRO A 87 -1.46 6.31 -12.07
C PRO A 87 -1.92 5.76 -13.41
N ALA A 88 -1.09 5.85 -14.45
CA ALA A 88 -1.47 5.28 -15.75
C ALA A 88 -1.59 3.76 -15.75
N SER A 89 -1.05 3.10 -14.73
CA SER A 89 -1.14 1.65 -14.63
C SER A 89 -2.43 1.16 -13.96
N ALA A 90 -3.23 2.06 -13.40
CA ALA A 90 -4.49 1.66 -12.78
C ALA A 90 -5.42 1.24 -13.90
N PRO A 91 -6.11 0.13 -13.74
CA PRO A 91 -7.00 -0.29 -14.83
C PRO A 91 -8.08 0.77 -15.16
N PRO A 92 -8.19 1.19 -16.45
CA PRO A 92 -9.17 2.22 -16.81
C PRO A 92 -10.57 1.66 -16.98
N GLU A 93 -11.58 2.46 -16.65
CA GLU A 93 -12.98 2.06 -16.76
C GLU A 93 -13.14 0.62 -16.28
N PRO A 94 -12.80 0.35 -15.01
CA PRO A 94 -12.94 -1.00 -14.47
C PRO A 94 -14.41 -1.35 -14.28
N PRO A 95 -14.76 -2.65 -14.39
CA PRO A 95 -16.17 -3.03 -14.16
C PRO A 95 -16.63 -2.84 -12.71
N ASP A 96 -17.94 -2.73 -12.52
CA ASP A 96 -18.53 -2.55 -11.20
C ASP A 96 -18.37 -3.82 -10.39
N LEU A 97 -18.87 -3.78 -9.17
CA LEU A 97 -18.56 -4.84 -8.18
C LEU A 97 -19.52 -6.04 -8.18
N SER A 98 -20.48 -6.07 -9.09
CA SER A 98 -21.45 -7.15 -9.10
C SER A 98 -20.80 -8.54 -9.24
N ALA A 99 -19.85 -8.68 -10.16
CA ALA A 99 -19.17 -9.96 -10.35
C ALA A 99 -18.39 -10.37 -9.09
N SER A 100 -17.73 -9.37 -8.50
CA SER A 100 -16.94 -9.58 -7.30
C SER A 100 -17.79 -9.98 -6.12
N ARG A 101 -18.95 -9.36 -5.97
CA ARG A 101 -19.90 -9.73 -4.97
C ARG A 101 -20.32 -11.20 -5.12
N SER A 102 -20.71 -11.60 -6.32
CA SER A 102 -21.11 -12.99 -6.56
C SER A 102 -19.97 -13.98 -6.29
N ALA A 103 -18.76 -13.60 -6.69
CA ALA A 103 -17.59 -14.46 -6.46
C ALA A 103 -17.36 -14.64 -4.98
N ILE A 104 -17.41 -13.56 -4.23
CA ILE A 104 -17.15 -13.64 -2.77
C ILE A 104 -18.22 -14.48 -2.09
N ASP A 105 -19.47 -14.32 -2.47
CA ASP A 105 -20.52 -15.16 -1.89
C ASP A 105 -20.26 -16.66 -2.14
N SER A 106 -19.92 -17.00 -3.37
CA SER A 106 -19.64 -18.41 -3.70
CA SER A 106 -19.64 -18.41 -3.68
C SER A 106 -18.41 -18.92 -2.94
N LEU A 107 -17.39 -18.09 -2.86
CA LEU A 107 -16.15 -18.55 -2.22
C LEU A 107 -16.33 -18.62 -0.71
N ASN A 108 -17.07 -17.68 -0.11
CA ASN A 108 -17.38 -17.81 1.32
C ASN A 108 -18.03 -19.17 1.62
N ASN A 109 -18.95 -19.55 0.75
CA ASN A 109 -19.66 -20.82 0.96
C ASN A 109 -18.75 -22.01 0.77
N ARG A 110 -17.90 -21.95 -0.24
CA ARG A 110 -16.92 -23.06 -0.42
C ARG A 110 -16.02 -23.19 0.82
N MET A 111 -15.55 -22.04 1.31
CA MET A 111 -14.69 -22.08 2.48
C MET A 111 -15.40 -22.67 3.67
N LEU A 112 -16.63 -22.23 3.93
CA LEU A 112 -17.32 -22.76 5.10
C LEU A 112 -17.56 -24.25 5.00
N SER A 113 -17.98 -24.72 3.82
CA SER A 113 -18.24 -26.14 3.65
C SER A 113 -16.98 -26.98 3.80
N GLN A 114 -15.83 -26.45 3.36
CA GLN A 114 -14.55 -27.12 3.58
C GLN A 114 -14.16 -27.12 5.04
N ILE A 115 -14.44 -26.07 5.80
CA ILE A 115 -14.13 -26.12 7.23
C ILE A 115 -14.88 -27.26 7.92
N TRP A 116 -16.13 -27.46 7.59
CA TRP A 116 -16.89 -28.60 8.14
C TRP A 116 -16.25 -29.92 7.70
N SER A 117 -15.93 -30.01 6.41
CA SER A 117 -15.45 -31.28 5.85
C SER A 117 -14.12 -31.70 6.46
N HIS A 118 -13.30 -30.73 6.87
CA HIS A 118 -11.93 -31.01 7.36
C HIS A 118 -11.74 -30.61 8.82
N TRP A 119 -12.84 -30.54 9.56
CA TRP A 119 -12.79 -30.12 10.95
C TRP A 119 -11.84 -30.93 11.82
N SER A 120 -11.87 -32.26 11.67
CA SER A 120 -10.97 -33.10 12.45
C SER A 120 -9.48 -32.76 12.22
N LEU A 121 -9.10 -32.50 10.99
CA LEU A 121 -7.73 -32.16 10.63
C LEU A 121 -7.38 -30.79 11.15
N LEU A 122 -8.28 -29.84 11.01
CA LEU A 122 -8.05 -28.48 11.50
C LEU A 122 -7.85 -28.44 13.02
N SER A 123 -8.33 -29.48 13.69
CA SER A 123 -8.22 -29.65 15.13
C SER A 123 -7.03 -30.50 15.58
N ALA A 124 -6.27 -31.05 14.63
CA ALA A 124 -5.25 -32.08 14.93
C ALA A 124 -3.85 -31.53 14.87
N PRO A 125 -2.90 -32.24 15.50
CA PRO A 125 -1.50 -31.80 15.38
C PRO A 125 -0.95 -31.78 13.96
N SER A 126 -1.49 -32.60 13.07
CA SER A 126 -1.04 -32.63 11.69
C SER A 126 -1.45 -31.39 10.88
N CYS A 127 -2.31 -30.54 11.44
CA CYS A 127 -2.83 -29.41 10.67
C CYS A 127 -1.71 -28.52 10.16
N ALA A 128 -0.75 -28.18 11.02
CA ALA A 128 0.24 -27.19 10.64
C ALA A 128 0.99 -27.61 9.38
N ALA A 129 1.43 -28.87 9.32
CA ALA A 129 2.21 -29.34 8.18
C ALA A 129 1.34 -29.50 6.95
N GLN A 130 0.10 -29.94 7.12
CA GLN A 130 -0.81 -30.08 5.98
C GLN A 130 -1.28 -28.75 5.41
N LEU A 131 -1.35 -27.73 6.27
CA LEU A 131 -1.57 -26.36 5.80
C LEU A 131 -0.36 -25.89 5.01
N ASP A 132 0.85 -26.15 5.53
CA ASP A 132 2.06 -25.80 4.77
C ASP A 132 2.10 -26.46 3.38
N ARG A 133 1.74 -27.73 3.31
CA ARG A 133 1.71 -28.46 2.06
C ARG A 133 0.67 -27.84 1.11
N ALA A 134 -0.53 -27.57 1.62
CA ALA A 134 -1.56 -26.96 0.81
C ALA A 134 -1.15 -25.59 0.29
N LYS A 135 -0.57 -24.75 1.14
CA LYS A 135 -0.11 -23.44 0.70
C LYS A 135 0.92 -23.58 -0.43
N ARG A 136 1.85 -24.51 -0.26
CA ARG A 136 2.87 -24.68 -1.28
C ARG A 136 2.24 -25.07 -2.61
N ASP A 137 1.24 -25.93 -2.55
CA ASP A 137 0.62 -26.45 -3.75
C ASP A 137 -0.20 -25.38 -4.45
N ILE A 138 -0.86 -24.51 -3.67
CA ILE A 138 -1.70 -23.46 -4.26
C ILE A 138 -0.86 -22.27 -4.74
N VAL A 139 0.18 -21.93 -4.02
CA VAL A 139 1.14 -20.93 -4.53
C VAL A 139 1.61 -21.33 -5.93
N ARG A 140 1.88 -22.62 -6.12
CA ARG A 140 2.32 -23.13 -7.42
C ARG A 140 1.18 -23.13 -8.43
N SER A 141 0.04 -23.68 -8.05
CA SER A 141 -1.04 -23.86 -9.04
C SER A 141 -1.65 -22.54 -9.49
N ARG A 142 -1.70 -21.57 -8.59
CA ARG A 142 -2.21 -20.25 -8.92
C ARG A 142 -1.13 -19.22 -9.24
N HIS A 143 0.13 -19.66 -9.26
CA HIS A 143 1.24 -18.81 -9.58
C HIS A 143 1.19 -17.53 -8.76
N LEU A 144 1.11 -17.68 -7.44
CA LEU A 144 0.98 -16.51 -6.59
C LEU A 144 2.30 -15.84 -6.41
N ASP A 145 2.29 -14.52 -6.56
CA ASP A 145 3.50 -13.70 -6.38
C ASP A 145 3.82 -13.43 -4.89
N SER A 146 4.85 -12.66 -4.60
CA SER A 146 5.28 -12.54 -3.23
CA SER A 146 5.30 -12.45 -3.23
C SER A 146 4.20 -11.85 -2.36
N LEU A 147 3.47 -10.88 -2.92
CA LEU A 147 2.42 -10.18 -2.20
C LEU A 147 1.31 -11.17 -1.83
N TYR A 148 0.90 -11.97 -2.81
CA TYR A 148 -0.18 -12.93 -2.54
C TYR A 148 0.27 -14.07 -1.64
N GLN A 149 1.54 -14.43 -1.71
CA GLN A 149 2.08 -15.41 -0.74
C GLN A 149 1.98 -14.89 0.71
N ARG A 150 2.39 -13.65 0.95
CA ARG A 150 2.25 -13.05 2.26
C ARG A 150 0.78 -13.01 2.71
N ALA A 151 -0.07 -12.57 1.79
CA ALA A 151 -1.48 -12.47 2.08
C ALA A 151 -2.09 -13.84 2.39
N LEU A 152 -1.69 -14.89 1.69
CA LEU A 152 -2.22 -16.21 1.97
C LEU A 152 -1.77 -16.70 3.35
N THR A 153 -0.55 -16.40 3.72
CA THR A 153 -0.08 -16.72 5.05
C THR A 153 -0.95 -16.03 6.12
N THR A 154 -1.18 -14.72 6.00
CA THR A 154 -2.05 -13.99 6.91
C THR A 154 -3.46 -14.57 6.91
N ALA A 155 -4.01 -14.86 5.74
CA ALA A 155 -5.40 -15.36 5.62
C ALA A 155 -5.64 -16.71 6.28
N THR A 156 -4.58 -17.51 6.41
CA THR A 156 -4.72 -18.89 6.90
C THR A 156 -4.14 -19.07 8.30
N GLN A 157 -3.72 -17.98 8.93
CA GLN A 157 -2.96 -18.11 10.18
C GLN A 157 -3.75 -18.59 11.38
N SER A 158 -5.08 -18.59 11.28
CA SER A 158 -5.94 -19.11 12.35
C SER A 158 -6.58 -20.45 12.00
N TYR A 159 -6.20 -21.07 10.89
CA TYR A 159 -6.85 -22.32 10.48
C TYR A 159 -6.60 -23.41 11.50
N CYS A 160 -5.37 -23.57 11.95
CA CYS A 160 -5.07 -24.71 12.81
C CYS A 160 -5.37 -24.37 14.26
N GLN A 161 -6.20 -25.21 14.87
CA GLN A 161 -6.65 -24.97 16.23
C GLN A 161 -5.55 -25.35 17.22
N ALA A 162 -5.58 -24.70 18.38
CA ALA A 162 -4.70 -25.03 19.49
C ALA A 162 -4.97 -26.41 19.98
N LEU A 163 -3.90 -27.08 20.45
CA LEU A 163 -4.00 -28.44 20.91
C LEU A 163 -3.94 -28.46 22.44
N PRO A 164 -4.38 -29.59 23.04
CA PRO A 164 -4.19 -29.64 24.50
C PRO A 164 -2.77 -29.43 24.94
N PRO A 165 -2.58 -28.67 26.03
CA PRO A 165 -1.20 -28.39 26.43
C PRO A 165 -0.51 -29.46 27.23
N ALA A 166 -1.23 -30.53 27.55
CA ALA A 166 -0.70 -31.74 28.18
C ALA A 166 -1.70 -32.87 27.94
N THR B 3 30.75 13.49 -6.86
CA THR B 3 29.35 13.72 -6.38
C THR B 3 28.54 14.40 -7.49
N SER B 4 27.34 13.92 -7.75
CA SER B 4 26.41 14.61 -8.61
C SER B 4 26.13 16.00 -8.10
N GLN B 5 26.00 16.95 -9.02
CA GLN B 5 25.63 18.30 -8.69
C GLN B 5 24.17 18.41 -8.26
N LEU B 6 23.41 17.33 -8.48
CA LEU B 6 22.01 17.27 -7.98
C LEU B 6 21.85 16.43 -6.71
N ALA B 7 22.95 16.04 -6.09
CA ALA B 7 22.90 15.29 -4.86
C ALA B 7 22.08 15.97 -3.77
N GLU B 8 22.21 17.30 -3.61
CA GLU B 8 21.48 17.96 -2.50
C GLU B 8 19.96 17.83 -2.67
N LEU B 9 19.49 17.99 -3.91
CA LEU B 9 18.06 17.96 -4.21
C LEU B 9 17.53 16.52 -4.13
N VAL B 10 18.30 15.55 -4.59
CA VAL B 10 17.84 14.17 -4.48
C VAL B 10 17.87 13.70 -3.01
N ASP B 11 18.87 14.13 -2.25
CA ASP B 11 18.85 13.88 -0.81
C ASP B 11 17.66 14.48 -0.09
N ALA B 12 17.29 15.70 -0.46
CA ALA B 12 16.13 16.37 0.18
C ALA B 12 14.87 15.57 -0.14
N ALA B 13 14.78 15.07 -1.37
CA ALA B 13 13.62 14.25 -1.81
C ALA B 13 13.52 13.05 -0.89
N ALA B 14 14.64 12.37 -0.69
CA ALA B 14 14.75 11.16 0.15
C ALA B 14 14.41 11.49 1.60
N GLU B 15 14.90 12.62 2.09
CA GLU B 15 14.61 13.04 3.46
C GLU B 15 13.10 13.23 3.64
N ARG B 16 12.45 13.81 2.63
CA ARG B 16 11.02 14.08 2.73
C ARG B 16 10.26 12.73 2.69
N LEU B 17 10.72 11.79 1.87
CA LEU B 17 10.14 10.42 1.86
C LEU B 17 10.26 9.69 3.22
N GLU B 18 11.32 9.94 3.97
CA GLU B 18 11.48 9.35 5.31
C GLU B 18 10.26 9.72 6.21
N VAL B 19 9.63 10.87 6.01
CA VAL B 19 8.51 11.31 6.89
C VAL B 19 7.19 10.58 6.59
N ALA B 20 7.17 9.78 5.52
CA ALA B 20 5.95 9.04 5.19
C ALA B 20 5.68 8.02 6.29
N ASP B 21 6.75 7.43 6.84
CA ASP B 21 6.56 6.34 7.78
C ASP B 21 5.92 6.79 9.10
N PRO B 22 6.50 7.82 9.77
CA PRO B 22 5.78 8.30 10.94
C PRO B 22 4.44 8.89 10.68
N VAL B 23 4.20 9.47 9.49
CA VAL B 23 2.88 9.95 9.15
C VAL B 23 1.93 8.76 9.07
N ALA B 24 2.34 7.73 8.35
CA ALA B 24 1.50 6.51 8.21
C ALA B 24 1.23 5.91 9.58
N ALA B 25 2.28 5.83 10.40
CA ALA B 25 2.16 5.20 11.74
C ALA B 25 1.11 5.90 12.55
N PHE B 26 1.12 7.22 12.51
CA PHE B 26 0.13 8.01 13.22
C PHE B 26 -1.29 7.79 12.69
N LYS B 27 -1.43 7.85 11.37
CA LYS B 27 -2.72 7.64 10.76
C LYS B 27 -3.27 6.22 11.06
N TRP B 28 -2.40 5.23 11.09
CA TRP B 28 -2.80 3.84 11.34
C TRP B 28 -3.44 3.79 12.74
N ARG B 29 -2.75 4.32 13.72
CA ARG B 29 -3.17 4.19 15.14
C ARG B 29 -4.44 4.98 15.38
N ALA B 30 -4.53 6.13 14.74
CA ALA B 30 -5.67 7.03 14.88
C ALA B 30 -6.84 6.70 13.93
N GLN B 31 -6.66 5.69 13.07
CA GLN B 31 -7.65 5.33 12.05
C GLN B 31 -8.11 6.50 11.18
N LEU B 32 -7.15 7.27 10.67
CA LEU B 32 -7.44 8.39 9.78
C LEU B 32 -7.20 7.96 8.34
N PRO B 33 -7.91 8.56 7.39
CA PRO B 33 -7.69 8.20 5.99
C PRO B 33 -6.35 8.72 5.46
N ILE B 34 -5.77 7.99 4.51
CA ILE B 34 -4.52 8.42 3.89
C ILE B 34 -4.73 9.62 2.97
N GLU B 35 -5.80 9.61 2.18
CA GLU B 35 -6.07 10.70 1.25
C GLU B 35 -6.53 11.94 2.02
N ASP B 36 -6.11 13.11 1.53
CA ASP B 36 -6.54 14.39 2.09
C ASP B 36 -6.44 15.42 0.96
N SER B 37 -7.38 15.32 0.03
CA SER B 37 -7.30 16.05 -1.24
C SER B 37 -7.32 17.55 -1.01
N GLY B 38 -8.18 17.98 -0.08
CA GLY B 38 -8.27 19.39 0.30
C GLY B 38 -6.95 19.93 0.80
N ARG B 39 -6.37 19.22 1.76
CA ARG B 39 -5.07 19.61 2.30
C ARG B 39 -3.96 19.69 1.24
N VAL B 40 -3.84 18.68 0.40
CA VAL B 40 -2.79 18.63 -0.62
C VAL B 40 -2.93 19.84 -1.56
N GLU B 41 -4.17 20.04 -2.02
CA GLU B 41 -4.52 21.19 -2.87
C GLU B 41 -3.99 22.51 -2.30
N GLN B 42 -4.08 22.63 -0.98
CA GLN B 42 -3.62 23.83 -0.29
C GLN B 42 -2.12 23.88 -0.04
N GLN B 43 -1.52 22.75 0.27
CA GLN B 43 -0.06 22.68 0.48
C GLN B 43 0.64 23.13 -0.81
N LEU B 44 0.11 22.71 -1.95
CA LEU B 44 0.64 23.10 -3.24
C LEU B 44 0.40 24.58 -3.55
N ALA B 45 -0.69 25.13 -2.99
CA ALA B 45 -1.00 26.56 -3.11
C ALA B 45 0.12 27.44 -2.53
N LYS B 46 0.46 27.21 -1.26
CA LYS B 46 1.52 27.95 -0.60
C LYS B 46 2.83 27.85 -1.37
N LEU B 47 3.18 26.64 -1.79
CA LEU B 47 4.44 26.40 -2.48
C LEU B 47 4.51 27.16 -3.80
N GLY B 48 3.40 27.17 -4.54
CA GLY B 48 3.29 27.97 -5.74
C GLY B 48 3.53 29.45 -5.48
N GLU B 49 2.97 29.95 -4.38
CA GLU B 49 3.10 31.37 -4.06
C GLU B 49 4.51 31.69 -3.56
N ASP B 50 5.11 30.78 -2.79
CA ASP B 50 6.53 30.89 -2.44
C ASP B 50 7.41 30.98 -3.68
N ALA B 51 7.18 30.11 -4.66
CA ALA B 51 7.91 30.16 -5.92
C ALA B 51 7.78 31.54 -6.59
N ARG B 52 6.55 32.05 -6.70
CA ARG B 52 6.35 33.35 -7.38
C ARG B 52 7.14 34.48 -6.72
N SER B 53 7.16 34.46 -5.40
CA SER B 53 7.88 35.45 -4.61
C SER B 53 9.37 35.49 -4.92
N GLN B 54 9.95 34.34 -5.27
CA GLN B 54 11.37 34.27 -5.62
C GLN B 54 11.59 34.25 -7.14
N HIS B 55 10.52 34.48 -7.90
CA HIS B 55 10.58 34.45 -9.36
C HIS B 55 11.03 33.10 -9.90
N ILE B 56 10.62 32.03 -9.21
CA ILE B 56 10.78 30.63 -9.66
C ILE B 56 9.47 30.19 -10.33
N ASP B 57 9.54 29.59 -11.51
N ASP B 57 9.53 29.59 -11.52
CA ASP B 57 8.37 29.08 -12.23
CA ASP B 57 8.34 29.11 -12.24
C ASP B 57 7.42 28.27 -11.31
C ASP B 57 7.42 28.28 -11.33
N PRO B 58 6.23 28.82 -11.01
CA PRO B 58 5.30 28.11 -10.12
C PRO B 58 4.72 26.79 -10.65
N ASP B 59 4.53 26.70 -11.95
N ASP B 59 4.51 26.71 -11.95
CA ASP B 59 3.99 25.49 -12.54
CA ASP B 59 4.00 25.47 -12.55
C ASP B 59 5.00 24.34 -12.41
C ASP B 59 5.01 24.34 -12.38
N TYR B 60 6.28 24.64 -12.58
CA TYR B 60 7.34 23.63 -12.40
C TYR B 60 7.32 23.15 -10.95
N VAL B 61 7.27 24.10 -10.02
CA VAL B 61 7.33 23.82 -8.59
C VAL B 61 6.12 22.98 -8.17
N THR B 62 4.93 23.33 -8.65
CA THR B 62 3.71 22.59 -8.30
CA THR B 62 3.77 22.58 -8.20
C THR B 62 3.79 21.16 -8.78
N ARG B 63 4.35 20.96 -9.97
N ARG B 63 4.36 21.00 -9.96
CA ARG B 63 4.47 19.61 -10.52
CA ARG B 63 4.52 19.68 -10.58
C ARG B 63 5.45 18.77 -9.71
C ARG B 63 5.46 18.78 -9.77
N VAL B 64 6.59 19.34 -9.36
CA VAL B 64 7.60 18.62 -8.58
C VAL B 64 7.01 18.22 -7.22
N PHE B 65 6.39 19.17 -6.54
CA PHE B 65 5.85 18.86 -5.22
C PHE B 65 4.67 17.93 -5.29
N ASP B 66 3.87 18.02 -6.35
CA ASP B 66 2.82 17.01 -6.54
C ASP B 66 3.36 15.57 -6.63
N ASP B 67 4.45 15.43 -7.38
CA ASP B 67 5.14 14.15 -7.51
C ASP B 67 5.63 13.68 -6.14
N GLN B 68 6.19 14.61 -5.37
CA GLN B 68 6.70 14.32 -4.04
C GLN B 68 5.61 13.83 -3.10
N ILE B 69 4.47 14.49 -3.16
CA ILE B 69 3.35 14.18 -2.29
C ILE B 69 2.78 12.81 -2.68
N ARG B 70 2.63 12.57 -3.97
CA ARG B 70 2.14 11.23 -4.41
C ARG B 70 3.08 10.12 -3.98
N ALA B 71 4.39 10.35 -4.09
CA ALA B 71 5.38 9.35 -3.64
C ALA B 71 5.22 9.03 -2.17
N THR B 72 4.97 10.08 -1.38
CA THR B 72 4.80 9.96 0.06
C THR B 72 3.53 9.15 0.35
N GLU B 73 2.46 9.49 -0.33
CA GLU B 73 1.16 8.77 -0.19
C GLU B 73 1.38 7.29 -0.57
N ALA B 74 2.19 7.04 -1.59
CA ALA B 74 2.44 5.66 -2.00
C ALA B 74 3.11 4.85 -0.89
N ILE B 75 4.02 5.48 -0.16
CA ILE B 75 4.72 4.83 0.93
C ILE B 75 3.72 4.54 2.06
N GLU B 76 2.91 5.55 2.39
CA GLU B 76 1.88 5.33 3.43
C GLU B 76 0.99 4.10 3.09
N TYR B 77 0.51 4.03 1.85
CA TYR B 77 -0.32 2.88 1.44
C TYR B 77 0.44 1.57 1.56
N SER B 78 1.73 1.57 1.23
CA SER B 78 2.51 0.36 1.32
C SER B 78 2.65 -0.11 2.77
N ARG B 79 2.89 0.84 3.66
CA ARG B 79 2.96 0.52 5.08
C ARG B 79 1.64 0.02 5.59
N PHE B 80 0.53 0.65 5.21
CA PHE B 80 -0.79 0.10 5.62
C PHE B 80 -0.96 -1.33 5.12
N SER B 81 -0.47 -1.63 3.91
CA SER B 81 -0.52 -3.00 3.42
C SER B 81 0.26 -3.95 4.33
N ASP B 82 1.50 -3.57 4.65
CA ASP B 82 2.33 -4.39 5.51
C ASP B 82 1.67 -4.60 6.86
N TRP B 83 1.06 -3.56 7.40
CA TRP B 83 0.48 -3.63 8.75
C TRP B 83 -0.86 -4.37 8.78
N LYS B 84 -1.55 -4.41 7.64
CA LYS B 84 -2.70 -5.32 7.54
C LYS B 84 -2.26 -6.76 7.55
N LEU B 85 -1.11 -7.06 6.98
CA LEU B 85 -0.57 -8.43 6.92
C LEU B 85 0.01 -8.81 8.28
N ASN B 86 0.63 -7.86 8.96
CA ASN B 86 1.22 -8.11 10.28
C ASN B 86 1.28 -6.82 11.07
N PRO B 87 0.25 -6.54 11.90
CA PRO B 87 0.17 -5.30 12.66
C PRO B 87 1.27 -5.06 13.69
N ALA B 88 1.90 -6.11 14.19
CA ALA B 88 2.99 -5.99 15.17
C ALA B 88 4.11 -5.03 14.73
N SER B 89 4.25 -4.85 13.41
CA SER B 89 5.26 -3.98 12.85
C SER B 89 4.93 -2.49 13.02
N ALA B 90 3.67 -2.15 13.24
CA ALA B 90 3.25 -0.74 13.26
C ALA B 90 3.88 -0.01 14.45
N PRO B 91 4.71 1.02 14.18
CA PRO B 91 5.36 1.76 15.28
C PRO B 91 4.33 2.30 16.29
N PRO B 92 4.47 1.92 17.57
CA PRO B 92 3.41 2.21 18.54
C PRO B 92 3.27 3.67 18.98
N GLU B 93 4.37 4.42 19.03
CA GLU B 93 4.37 5.77 19.56
C GLU B 93 5.03 6.71 18.57
N PRO B 94 4.41 6.90 17.40
CA PRO B 94 5.01 7.80 16.43
C PRO B 94 4.82 9.26 16.86
N PRO B 95 5.65 10.18 16.35
CA PRO B 95 5.43 11.59 16.64
C PRO B 95 4.06 12.09 16.19
N ASP B 96 3.59 13.18 16.79
CA ASP B 96 2.29 13.77 16.44
C ASP B 96 2.30 14.16 14.97
N LEU B 97 1.15 14.04 14.32
CA LEU B 97 1.01 14.45 12.92
C LEU B 97 1.40 15.92 12.71
N SER B 98 1.11 16.78 13.68
CA SER B 98 1.48 18.19 13.61
C SER B 98 3.01 18.39 13.63
N ALA B 99 3.73 17.53 14.33
CA ALA B 99 5.19 17.55 14.34
C ALA B 99 5.75 17.11 12.99
N SER B 100 5.22 16.01 12.46
CA SER B 100 5.63 15.56 11.13
C SER B 100 5.33 16.61 10.06
N ARG B 101 4.16 17.23 10.13
CA ARG B 101 3.80 18.23 9.12
C ARG B 101 4.71 19.47 9.22
N SER B 102 5.11 19.86 10.44
CA SER B 102 6.06 20.98 10.56
C SER B 102 7.43 20.63 9.99
N ALA B 103 7.89 19.40 10.20
CA ALA B 103 9.15 18.96 9.62
C ALA B 103 9.05 19.00 8.10
N ILE B 104 7.91 18.60 7.58
CA ILE B 104 7.66 18.61 6.13
C ILE B 104 7.68 20.02 5.59
N ASP B 105 7.09 20.95 6.32
CA ASP B 105 7.11 22.35 5.88
C ASP B 105 8.52 22.88 5.79
N SER B 106 9.37 22.49 6.73
CA SER B 106 10.75 22.96 6.72
C SER B 106 11.54 22.32 5.59
N LEU B 107 11.30 21.03 5.34
CA LEU B 107 11.90 20.34 4.21
C LEU B 107 11.49 20.98 2.88
N ASN B 108 10.22 21.35 2.76
CA ASN B 108 9.72 22.04 1.58
C ASN B 108 10.51 23.34 1.32
N ASN B 109 10.70 24.14 2.37
CA ASN B 109 11.43 25.39 2.20
C ASN B 109 12.85 25.13 1.70
N ARG B 110 13.52 24.16 2.32
CA ARG B 110 14.86 23.80 1.88
C ARG B 110 14.88 23.26 0.44
N MET B 111 13.88 22.46 0.09
N MET B 111 13.88 22.45 0.08
CA MET B 111 13.75 21.93 -1.27
CA MET B 111 13.78 21.92 -1.30
C MET B 111 13.62 23.04 -2.30
C MET B 111 13.61 23.03 -2.32
N LEU B 112 12.72 23.98 -2.05
CA LEU B 112 12.52 25.10 -2.97
C LEU B 112 13.85 25.88 -3.08
N SER B 113 14.53 26.09 -1.97
CA SER B 113 15.80 26.80 -2.03
C SER B 113 16.83 26.05 -2.89
N GLN B 114 16.82 24.72 -2.77
CA GLN B 114 17.79 23.94 -3.57
C GLN B 114 17.42 23.94 -5.06
N ILE B 115 16.13 24.04 -5.35
CA ILE B 115 15.64 24.09 -6.73
C ILE B 115 16.12 25.41 -7.36
N TRP B 116 15.94 26.52 -6.65
CA TRP B 116 16.38 27.82 -7.13
C TRP B 116 17.93 27.79 -7.30
N SER B 117 18.63 27.24 -6.32
CA SER B 117 20.10 27.20 -6.36
C SER B 117 20.63 26.43 -7.59
N HIS B 118 19.91 25.39 -7.98
CA HIS B 118 20.30 24.54 -9.06
C HIS B 118 19.53 24.76 -10.36
N TRP B 119 18.90 25.92 -10.49
CA TRP B 119 18.06 26.16 -11.66
C TRP B 119 18.77 25.98 -12.99
N SER B 120 19.98 26.51 -13.11
CA SER B 120 20.71 26.40 -14.37
CA SER B 120 20.73 26.41 -14.36
C SER B 120 21.05 24.96 -14.74
N LEU B 121 21.23 24.11 -13.74
CA LEU B 121 21.51 22.71 -13.99
C LEU B 121 20.24 21.93 -14.29
N LEU B 122 19.15 22.24 -13.60
CA LEU B 122 17.90 21.51 -13.81
C LEU B 122 17.36 21.79 -15.21
N SER B 123 17.68 22.96 -15.76
CA SER B 123 17.23 23.33 -17.10
C SER B 123 18.25 23.05 -18.20
N ALA B 124 19.37 22.41 -17.87
CA ALA B 124 20.44 22.12 -18.81
C ALA B 124 20.29 20.70 -19.34
N PRO B 125 20.85 20.44 -20.53
CA PRO B 125 20.76 19.09 -21.12
C PRO B 125 21.36 17.97 -20.26
N SER B 126 22.36 18.28 -19.45
CA SER B 126 23.00 17.28 -18.58
CA SER B 126 23.00 17.28 -18.59
C SER B 126 22.12 16.89 -17.39
N CYS B 127 20.97 17.54 -17.22
CA CYS B 127 20.16 17.22 -16.06
C CYS B 127 19.82 15.71 -15.95
N ALA B 128 19.36 15.08 -17.03
CA ALA B 128 18.96 13.65 -16.93
C ALA B 128 20.10 12.78 -16.41
N ALA B 129 21.30 12.98 -16.97
CA ALA B 129 22.46 12.25 -16.51
C ALA B 129 22.80 12.51 -15.06
N GLN B 130 22.76 13.79 -14.66
CA GLN B 130 23.14 14.19 -13.31
C GLN B 130 22.15 13.63 -12.31
N LEU B 131 20.88 13.61 -12.67
CA LEU B 131 19.84 13.07 -11.79
C LEU B 131 19.97 11.57 -11.66
N ASP B 132 20.22 10.87 -12.77
CA ASP B 132 20.39 9.39 -12.66
C ASP B 132 21.56 9.05 -11.74
N ARG B 133 22.65 9.79 -11.86
CA ARG B 133 23.81 9.61 -11.00
C ARG B 133 23.53 9.93 -9.52
N ALA B 134 22.84 11.02 -9.26
CA ALA B 134 22.47 11.42 -7.90
C ALA B 134 21.63 10.32 -7.26
N LYS B 135 20.67 9.81 -8.03
CA LYS B 135 19.76 8.79 -7.52
C LYS B 135 20.50 7.49 -7.26
N ARG B 136 21.32 7.08 -8.22
CA ARG B 136 22.10 5.83 -8.11
CA ARG B 136 22.13 5.86 -8.14
C ARG B 136 22.98 5.88 -6.89
N ASP B 137 23.56 7.04 -6.61
CA ASP B 137 24.49 7.18 -5.50
C ASP B 137 23.78 7.09 -4.18
N ILE B 138 22.64 7.79 -4.07
CA ILE B 138 21.82 7.82 -2.87
C ILE B 138 21.06 6.50 -2.65
N VAL B 139 20.62 5.84 -3.72
CA VAL B 139 20.00 4.52 -3.58
C VAL B 139 21.03 3.56 -2.94
N ARG B 140 22.27 3.58 -3.43
CA ARG B 140 23.30 2.68 -2.90
C ARG B 140 23.68 3.10 -1.49
N SER B 141 23.99 4.38 -1.32
CA SER B 141 24.54 4.81 -0.03
C SER B 141 23.52 4.68 1.10
N ARG B 142 22.24 4.87 0.80
CA ARG B 142 21.20 4.68 1.81
C ARG B 142 20.59 3.28 1.79
N HIS B 143 21.10 2.42 0.90
CA HIS B 143 20.64 1.05 0.78
C HIS B 143 19.12 1.03 0.68
N LEU B 144 18.57 1.93 -0.13
CA LEU B 144 17.11 2.10 -0.21
C LEU B 144 16.51 0.83 -0.76
N ASP B 145 15.40 0.41 -0.14
CA ASP B 145 14.70 -0.78 -0.60
C ASP B 145 13.90 -0.47 -1.85
N SER B 146 13.34 -1.52 -2.43
CA SER B 146 12.57 -1.42 -3.67
C SER B 146 11.51 -0.32 -3.65
N LEU B 147 10.74 -0.26 -2.56
CA LEU B 147 9.65 0.72 -2.47
C LEU B 147 10.23 2.13 -2.53
N TYR B 148 11.24 2.38 -1.71
CA TYR B 148 11.83 3.73 -1.65
C TYR B 148 12.56 4.07 -2.94
N GLN B 149 13.17 3.09 -3.61
CA GLN B 149 13.73 3.38 -4.92
C GLN B 149 12.64 3.86 -5.86
N ARG B 150 11.52 3.14 -5.92
CA ARG B 150 10.42 3.55 -6.78
C ARG B 150 9.84 4.94 -6.43
N ALA B 151 9.63 5.13 -5.13
CA ALA B 151 9.16 6.42 -4.62
C ALA B 151 10.15 7.55 -5.00
N LEU B 152 11.45 7.30 -4.88
CA LEU B 152 12.41 8.34 -5.26
C LEU B 152 12.35 8.67 -6.75
N THR B 153 12.13 7.66 -7.58
CA THR B 153 11.95 7.90 -9.00
C THR B 153 10.74 8.78 -9.26
N THR B 154 9.60 8.42 -8.66
CA THR B 154 8.40 9.20 -8.82
C THR B 154 8.64 10.63 -8.32
N ALA B 155 9.29 10.78 -7.18
CA ALA B 155 9.43 12.10 -6.55
C ALA B 155 10.25 13.02 -7.42
N THR B 156 11.19 12.45 -8.17
CA THR B 156 12.18 13.27 -8.90
C THR B 156 11.94 13.30 -10.42
N GLN B 157 10.83 12.71 -10.86
CA GLN B 157 10.60 12.46 -12.29
C GLN B 157 10.43 13.72 -13.13
N SER B 158 10.07 14.83 -12.50
CA SER B 158 9.83 16.09 -13.21
C SER B 158 10.98 17.07 -13.04
N TYR B 159 12.04 16.70 -12.32
CA TYR B 159 13.15 17.64 -12.08
C TYR B 159 13.71 18.28 -13.34
N CYS B 160 13.90 17.49 -14.39
CA CYS B 160 14.61 17.98 -15.57
C CYS B 160 13.70 18.74 -16.53
N GLN B 161 12.47 19.02 -16.11
CA GLN B 161 11.53 19.77 -16.93
C GLN B 161 11.69 21.28 -16.85
N ALA B 162 12.64 21.75 -16.05
CA ALA B 162 12.88 23.18 -15.85
C ALA B 162 13.31 23.86 -17.14
N LEU B 163 12.76 25.04 -17.39
CA LEU B 163 13.15 25.81 -18.58
C LEU B 163 14.14 26.88 -18.22
N PRO B 164 15.18 27.08 -19.08
CA PRO B 164 16.14 28.14 -18.81
C PRO B 164 15.51 29.54 -18.78
N PRO B 165 16.08 30.47 -18.00
CA PRO B 165 15.49 31.79 -17.93
C PRO B 165 15.43 32.51 -19.28
N ALA B 166 14.36 33.28 -19.45
CA ALA B 166 14.18 34.17 -20.59
C ALA B 166 15.35 35.13 -20.76
#